data_4FM6
#
_entry.id   4FM6
#
_cell.length_a   58.060
_cell.length_b   86.140
_cell.length_c   46.300
_cell.angle_alpha   90.00
_cell.angle_beta   90.00
_cell.angle_gamma   90.00
#
_symmetry.space_group_name_H-M   'P 21 21 2'
#
loop_
_entity.id
_entity.type
_entity.pdbx_description
1 polymer 'HIV-1 protease'
2 polymer hexapeptide
3 non-polymer 'SODIUM ION'
4 non-polymer 'CHLORIDE ION'
5 non-polymer GLYCEROL
6 water water
#
loop_
_entity_poly.entity_id
_entity_poly.type
_entity_poly.pdbx_seq_one_letter_code
_entity_poly.pdbx_strand_id
1 'polypeptide(L)'
;PQITLWKRPLVTIKIGGQLKEALLDTGADDTIIEEMSLPGRWKPKMIGGIGGFIKVRQYDQIIIEIAGHKAIGTVLVGPT
PVNIIGRNLLTQIGATLNF
;
B,A
2 'polypeptide(L)' YDQIII C
#
# COMPACT_ATOMS: atom_id res chain seq x y z
N PRO A 1 -6.61 15.05 -9.87
CA PRO A 1 -7.36 14.05 -10.59
C PRO A 1 -8.09 13.05 -9.69
N GLN A 2 -8.89 12.19 -10.29
CA GLN A 2 -9.54 11.09 -9.62
C GLN A 2 -8.99 9.81 -10.23
N ILE A 3 -8.34 9.06 -9.39
CA ILE A 3 -7.77 7.79 -9.82
C ILE A 3 -8.56 6.60 -9.31
N THR A 4 -9.04 5.82 -10.27
CA THR A 4 -9.69 4.56 -9.94
C THR A 4 -8.63 3.53 -9.60
N LEU A 5 -9.16 2.45 -9.02
CA LEU A 5 -8.22 1.46 -8.53
C LEU A 5 -8.35 0.14 -9.24
N TRP A 6 -8.91 0.16 -10.45
CA TRP A 6 -8.95 -1.03 -11.29
C TRP A 6 -7.54 -1.54 -11.59
N LYS A 7 -6.63 -0.59 -11.76
CA LYS A 7 -5.24 -0.95 -11.97
C LYS A 7 -4.38 -0.24 -10.94
N ARG A 8 -3.10 -0.63 -10.93
CA ARG A 8 -2.15 -0.01 -9.98
C ARG A 8 -2.08 1.50 -10.23
N PRO A 9 -2.21 2.33 -9.18
CA PRO A 9 -2.13 3.80 -9.29
C PRO A 9 -0.73 4.35 -9.42
N LEU A 10 -0.27 4.27 -10.66
CA LEU A 10 1.07 4.67 -11.02
C LEU A 10 1.07 6.10 -11.55
N VAL A 11 2.05 6.84 -11.07
CA VAL A 11 2.25 8.19 -11.59
C VAL A 11 3.72 8.43 -11.89
N THR A 12 3.97 9.48 -12.67
CA THR A 12 5.32 9.95 -12.91
C THR A 12 5.71 10.95 -11.84
N ILE A 13 6.92 10.76 -11.35
CA ILE A 13 7.53 11.62 -10.38
C ILE A 13 8.86 12.15 -10.92
N LYS A 14 9.28 13.29 -10.35
CA LYS A 14 10.61 13.82 -10.60
C LYS A 14 11.32 13.95 -9.24
N ILE A 15 12.48 13.33 -9.18
CA ILE A 15 13.25 13.29 -7.94
C ILE A 15 14.72 13.26 -8.32
N GLY A 16 15.51 14.12 -7.66
CA GLY A 16 16.93 14.11 -7.94
C GLY A 16 17.22 14.39 -9.39
N GLY A 17 16.32 15.08 -10.11
CA GLY A 17 16.55 15.41 -11.50
C GLY A 17 16.10 14.35 -12.46
N GLN A 18 15.60 13.25 -11.96
CA GLN A 18 15.30 12.06 -12.73
C GLN A 18 13.81 11.85 -12.78
N LEU A 19 13.28 11.37 -13.89
CA LEU A 19 11.89 10.96 -13.96
C LEU A 19 11.76 9.48 -13.63
N LYS A 20 10.80 9.14 -12.78
CA LYS A 20 10.54 7.74 -12.43
C LYS A 20 9.04 7.53 -12.37
N GLU A 21 8.63 6.29 -12.47
CA GLU A 21 7.25 5.91 -12.22
C GLU A 21 7.18 5.41 -10.77
N ALA A 22 6.08 5.77 -10.10
CA ALA A 22 5.89 5.38 -8.71
C ALA A 22 4.43 5.08 -8.43
N LEU A 23 4.22 4.25 -7.42
CA LEU A 23 2.94 3.78 -6.98
C LEU A 23 2.42 4.66 -5.84
N LEU A 24 1.20 5.19 -5.95
CA LEU A 24 0.59 5.91 -4.84
C LEU A 24 0.04 4.89 -3.85
N ASP A 25 0.63 4.84 -2.68
CA ASP A 25 0.41 3.75 -1.71
C ASP A 25 -0.02 4.25 -0.32
N THR A 26 -1.33 4.20 -0.08
CA THR A 26 -1.87 4.69 1.16
C THR A 26 -1.49 3.79 2.31
N GLY A 27 -1.06 2.57 2.01
N GLY A 27 -1.08 2.56 2.04
CA GLY A 27 -0.64 1.60 3.00
CA GLY A 27 -0.67 1.66 3.11
C GLY A 27 0.85 1.64 3.29
C GLY A 27 0.72 1.97 3.62
N ALA A 28 1.53 2.69 2.86
CA ALA A 28 2.91 2.96 3.17
C ALA A 28 3.06 4.18 4.05
N ASP A 29 3.73 4.12 5.17
CA ASP A 29 3.97 5.30 5.98
C ASP A 29 4.96 6.23 5.28
N ASP A 30 5.91 5.60 4.60
CA ASP A 30 7.10 6.18 4.06
C ASP A 30 7.17 6.11 2.54
N THR A 31 7.94 6.98 1.95
CA THR A 31 8.24 7.00 0.51
C THR A 31 9.56 6.28 0.26
N ILE A 32 9.56 5.31 -0.64
CA ILE A 32 10.69 4.42 -0.85
C ILE A 32 10.98 4.36 -2.34
N ILE A 33 12.19 4.70 -2.70
CA ILE A 33 12.64 4.75 -4.09
C ILE A 33 13.79 3.77 -4.30
N GLU A 34 13.80 3.13 -5.45
CA GLU A 34 14.90 2.28 -5.90
C GLU A 34 16.23 3.02 -5.85
N GLU A 35 17.31 2.23 -5.83
CA GLU A 35 18.64 2.80 -5.67
C GLU A 35 18.91 3.93 -6.66
N MET A 36 19.30 5.07 -6.09
CA MET A 36 19.68 6.28 -6.78
C MET A 36 20.53 7.10 -5.83
N SER A 37 21.23 8.07 -6.38
CA SER A 37 21.96 9.03 -5.55
C SER A 37 21.07 10.23 -5.25
N LEU A 38 21.12 10.71 -4.03
CA LEU A 38 20.51 11.94 -3.60
C LEU A 38 21.54 12.78 -2.83
N PRO A 39 21.42 14.09 -2.85
CA PRO A 39 22.41 14.92 -2.14
C PRO A 39 22.10 14.98 -0.65
N GLY A 40 23.14 15.30 0.12
CA GLY A 40 23.02 15.57 1.54
C GLY A 40 23.24 14.34 2.39
N ARG A 41 22.97 14.52 3.66
CA ARG A 41 23.26 13.49 4.63
C ARG A 41 22.18 12.43 4.60
N TRP A 42 22.55 11.27 5.09
CA TRP A 42 21.62 10.17 5.25
C TRP A 42 21.96 9.30 6.46
N LYS A 43 20.99 8.50 6.87
CA LYS A 43 21.23 7.55 7.94
C LYS A 43 20.50 6.24 7.59
N PRO A 44 21.05 5.16 8.11
CA PRO A 44 20.41 3.87 7.78
C PRO A 44 19.12 3.65 8.55
N LYS A 45 18.26 2.85 7.92
CA LYS A 45 16.95 2.51 8.49
C LYS A 45 16.58 1.11 8.00
N MET A 46 15.78 0.38 8.75
CA MET A 46 15.14 -0.84 8.30
C MET A 46 13.64 -0.63 8.17
N ILE A 47 13.09 -1.08 7.06
CA ILE A 47 11.63 -1.01 6.90
C ILE A 47 11.16 -2.39 6.48
N GLY A 48 9.94 -2.69 6.88
CA GLY A 48 9.47 -4.05 6.67
C GLY A 48 8.02 -4.08 6.27
N GLY A 49 7.65 -5.27 5.81
CA GLY A 49 6.33 -5.47 5.28
C GLY A 49 6.19 -6.94 4.97
N ILE A 50 5.32 -7.20 3.99
CA ILE A 50 5.18 -8.61 3.65
C ILE A 50 6.52 -9.07 3.12
N GLY A 51 6.88 -10.26 3.58
CA GLY A 51 8.15 -10.82 3.18
C GLY A 51 9.32 -10.41 4.02
N GLY A 52 9.19 -9.54 5.01
CA GLY A 52 10.32 -9.16 5.86
C GLY A 52 10.73 -7.71 5.72
N PHE A 53 11.98 -7.46 6.07
CA PHE A 53 12.62 -6.18 6.09
CA PHE A 53 12.61 -6.17 6.09
C PHE A 53 13.75 -5.99 5.09
N ILE A 54 13.90 -4.72 4.67
CA ILE A 54 15.02 -4.28 3.86
C ILE A 54 15.70 -3.09 4.54
N LYS A 55 17.00 -2.96 4.28
CA LYS A 55 17.77 -1.84 4.77
C LYS A 55 17.76 -0.75 3.71
N VAL A 56 17.53 0.47 4.17
CA VAL A 56 17.47 1.63 3.31
C VAL A 56 18.30 2.78 3.86
N ARG A 57 18.54 3.77 3.00
CA ARG A 57 19.11 5.05 3.40
C ARG A 57 18.02 6.11 3.49
N GLN A 58 18.03 6.81 4.60
CA GLN A 58 17.03 7.83 4.90
C GLN A 58 17.62 9.22 4.62
N TYR A 59 17.04 9.90 3.65
CA TYR A 59 17.39 11.26 3.28
C TYR A 59 16.28 12.19 3.70
N ASP A 60 16.58 13.26 4.42
CA ASP A 60 15.55 14.19 4.85
C ASP A 60 15.54 15.42 3.92
N GLN A 61 14.40 16.10 3.90
CA GLN A 61 14.19 17.34 3.18
C GLN A 61 14.50 17.20 1.71
N ILE A 62 13.92 16.22 1.05
CA ILE A 62 14.06 16.00 -0.39
C ILE A 62 12.79 16.47 -1.07
N ILE A 63 12.97 17.23 -2.15
CA ILE A 63 11.85 17.73 -2.93
C ILE A 63 11.54 16.75 -4.05
N ILE A 64 10.29 16.36 -4.23
N ILE A 64 10.25 16.55 -4.19
CA ILE A 64 9.77 15.45 -5.24
CA ILE A 64 9.83 15.73 -5.32
C ILE A 64 8.50 16.03 -5.89
C ILE A 64 8.61 16.41 -5.94
N GLU A 65 8.48 16.06 -7.21
CA GLU A 65 7.33 16.49 -7.99
C GLU A 65 6.55 15.21 -8.33
N ILE A 66 5.31 15.16 -7.88
CA ILE A 66 4.44 14.00 -7.95
C ILE A 66 3.26 14.39 -8.82
N ALA A 67 3.27 13.82 -10.02
CA ALA A 67 2.20 14.08 -10.99
C ALA A 67 1.98 15.58 -11.08
N GLY A 68 3.07 16.35 -11.08
CA GLY A 68 2.91 17.81 -11.23
C GLY A 68 2.81 18.61 -9.97
N HIS A 69 2.78 17.93 -8.81
CA HIS A 69 2.66 18.69 -7.58
C HIS A 69 3.94 18.55 -6.76
N LYS A 70 4.50 19.65 -6.31
CA LYS A 70 5.73 19.61 -5.49
C LYS A 70 5.45 19.41 -4.02
N ALA A 71 6.36 18.61 -3.43
CA ALA A 71 6.26 18.31 -2.00
C ALA A 71 7.67 18.13 -1.48
N ILE A 72 7.86 18.26 -0.20
CA ILE A 72 9.14 18.01 0.42
C ILE A 72 8.93 17.07 1.58
N GLY A 73 9.90 16.18 1.75
CA GLY A 73 9.88 15.28 2.88
C GLY A 73 11.02 14.28 2.85
N THR A 74 10.91 13.29 3.72
CA THR A 74 11.89 12.23 3.83
C THR A 74 11.64 11.23 2.72
N VAL A 75 12.75 10.80 2.12
CA VAL A 75 12.73 9.76 1.12
C VAL A 75 13.71 8.66 1.54
N LEU A 76 13.24 7.45 1.46
CA LEU A 76 14.06 6.26 1.71
C LEU A 76 14.52 5.67 0.40
N VAL A 77 15.78 5.28 0.33
CA VAL A 77 16.31 4.70 -0.91
C VAL A 77 16.86 3.33 -0.64
N GLY A 78 16.45 2.37 -1.44
CA GLY A 78 16.97 1.01 -1.25
C GLY A 78 16.31 0.02 -2.16
N PRO A 79 16.53 -1.26 -1.92
CA PRO A 79 16.12 -2.29 -2.88
C PRO A 79 14.66 -2.67 -2.83
N THR A 80 13.80 -1.71 -3.04
CA THR A 80 12.34 -1.89 -3.07
C THR A 80 11.94 -2.47 -4.42
N PRO A 81 10.97 -3.36 -4.53
CA PRO A 81 10.61 -3.87 -5.86
C PRO A 81 9.90 -2.87 -6.76
N VAL A 82 9.36 -1.79 -6.21
CA VAL A 82 8.57 -0.76 -6.89
C VAL A 82 8.82 0.56 -6.15
N ASN A 83 8.91 1.68 -6.86
CA ASN A 83 8.97 2.99 -6.24
C ASN A 83 7.59 3.26 -5.62
N ILE A 84 7.59 3.71 -4.38
CA ILE A 84 6.36 3.95 -3.67
CA ILE A 84 6.42 3.93 -3.55
C ILE A 84 6.33 5.35 -3.06
N ILE A 85 5.22 6.02 -3.29
CA ILE A 85 4.94 7.31 -2.67
C ILE A 85 4.04 7.00 -1.49
N GLY A 86 4.52 7.19 -0.28
CA GLY A 86 3.75 6.92 0.90
C GLY A 86 3.10 8.14 1.50
N ARG A 87 2.47 7.93 2.66
CA ARG A 87 1.62 8.92 3.25
C ARG A 87 2.34 10.21 3.59
N ASN A 88 3.62 10.13 3.95
CA ASN A 88 4.36 11.33 4.28
C ASN A 88 4.36 12.36 3.14
N LEU A 89 4.30 11.95 1.89
CA LEU A 89 4.20 12.86 0.78
C LEU A 89 2.79 12.95 0.20
N LEU A 90 1.98 11.89 0.28
CA LEU A 90 0.61 11.99 -0.19
C LEU A 90 -0.16 13.06 0.55
N THR A 91 0.14 13.23 1.83
CA THR A 91 -0.58 14.29 2.53
C THR A 91 -0.28 15.65 1.94
N GLN A 92 0.96 15.85 1.51
CA GLN A 92 1.39 17.18 1.05
C GLN A 92 0.78 17.58 -0.28
N ILE A 93 0.36 16.58 -1.06
CA ILE A 93 -0.32 16.91 -2.30
C ILE A 93 -1.82 16.88 -2.15
N GLY A 94 -2.31 16.65 -0.94
CA GLY A 94 -3.74 16.73 -0.68
C GLY A 94 -4.52 15.50 -1.08
N ALA A 95 -3.84 14.36 -1.15
CA ALA A 95 -4.46 13.11 -1.55
C ALA A 95 -5.37 12.58 -0.44
N THR A 96 -6.55 12.16 -0.87
CA THR A 96 -7.55 11.49 -0.06
C THR A 96 -8.10 10.25 -0.75
N LEU A 97 -8.56 9.33 0.09
CA LEU A 97 -9.33 8.17 -0.31
C LEU A 97 -10.81 8.49 -0.13
N ASN A 98 -11.59 8.25 -1.15
CA ASN A 98 -13.00 8.62 -1.13
C ASN A 98 -13.87 7.43 -1.50
N PHE A 99 -14.90 7.17 -0.73
CA PHE A 99 -15.87 6.16 -1.09
C PHE A 99 -17.20 6.44 -0.37
N PRO B 1 -17.28 8.42 2.62
CA PRO B 1 -16.29 9.17 3.40
C PRO B 1 -15.09 9.60 2.56
N GLN B 2 -14.46 10.68 2.99
CA GLN B 2 -13.21 11.24 2.58
C GLN B 2 -12.23 10.99 3.75
N ILE B 3 -11.19 10.26 3.38
CA ILE B 3 -10.16 9.86 4.36
C ILE B 3 -8.84 10.49 4.01
N THR B 4 -8.35 11.33 4.91
CA THR B 4 -7.04 11.96 4.74
C THR B 4 -5.98 10.98 5.21
N LEU B 5 -4.72 11.28 4.98
CA LEU B 5 -3.67 10.32 5.18
C LEU B 5 -2.64 10.74 6.20
N TRP B 6 -3.02 11.66 7.10
CA TRP B 6 -2.11 12.11 8.14
C TRP B 6 -1.87 11.01 9.14
N LYS B 7 -2.83 10.11 9.34
CA LYS B 7 -2.65 8.90 10.12
C LYS B 7 -2.87 7.69 9.20
N ARG B 8 -2.51 6.48 9.63
CA ARG B 8 -2.85 5.28 8.84
C ARG B 8 -4.35 5.13 8.59
N PRO B 9 -4.77 4.85 7.35
CA PRO B 9 -6.20 4.69 7.03
C PRO B 9 -6.74 3.34 7.46
N LEU B 10 -6.91 3.23 8.79
CA LEU B 10 -7.46 2.08 9.46
C LEU B 10 -8.97 2.16 9.58
N VAL B 11 -9.59 1.04 9.21
CA VAL B 11 -11.04 0.93 9.29
C VAL B 11 -11.40 -0.37 9.99
N THR B 12 -12.63 -0.50 10.43
CA THR B 12 -13.15 -1.74 10.91
C THR B 12 -13.72 -2.56 9.75
N ILE B 13 -13.38 -3.85 9.77
CA ILE B 13 -13.98 -4.79 8.83
C ILE B 13 -14.73 -5.86 9.62
N LYS B 14 -15.63 -6.57 8.97
CA LYS B 14 -16.32 -7.69 9.58
C LYS B 14 -16.21 -8.88 8.63
N ILE B 15 -15.68 -9.97 9.17
CA ILE B 15 -15.50 -11.19 8.37
C ILE B 15 -15.80 -12.33 9.31
N GLY B 16 -16.63 -13.28 8.89
CA GLY B 16 -17.09 -14.39 9.73
C GLY B 16 -17.74 -13.96 11.01
N GLY B 17 -18.49 -12.86 11.00
CA GLY B 17 -19.16 -12.30 12.16
C GLY B 17 -18.26 -11.58 13.14
N GLN B 18 -16.97 -11.47 12.83
CA GLN B 18 -16.01 -10.90 13.76
C GLN B 18 -15.47 -9.58 13.22
N LEU B 19 -15.34 -8.64 14.17
CA LEU B 19 -14.76 -7.37 13.83
C LEU B 19 -13.24 -7.39 13.96
N LYS B 20 -12.57 -6.83 12.94
CA LYS B 20 -11.14 -6.68 12.89
C LYS B 20 -10.79 -5.28 12.38
N GLU B 21 -9.55 -4.84 12.61
CA GLU B 21 -9.01 -3.61 12.06
C GLU B 21 -8.24 -3.94 10.80
N ALA B 22 -8.33 -3.10 9.79
CA ALA B 22 -7.58 -3.32 8.55
C ALA B 22 -7.20 -1.97 7.95
N LEU B 23 -6.16 -2.02 7.14
CA LEU B 23 -5.57 -0.85 6.49
C LEU B 23 -6.05 -0.75 5.06
N LEU B 24 -6.56 0.38 4.64
CA LEU B 24 -6.90 0.59 3.24
C LEU B 24 -5.64 0.87 2.45
N ASP B 25 -5.29 -0.03 1.52
CA ASP B 25 -3.96 0.00 0.91
C ASP B 25 -3.98 0.03 -0.60
N THR B 26 -3.84 1.22 -1.20
CA THR B 26 -3.87 1.32 -2.65
C THR B 26 -2.67 0.69 -3.32
N GLY B 27 -1.62 0.41 -2.56
CA GLY B 27 -0.42 -0.25 -3.01
C GLY B 27 -0.50 -1.76 -3.01
N ALA B 28 -1.62 -2.32 -2.59
CA ALA B 28 -1.87 -3.75 -2.55
C ALA B 28 -2.82 -4.19 -3.66
N ASP B 29 -2.35 -5.14 -4.47
CA ASP B 29 -3.22 -5.71 -5.49
C ASP B 29 -4.41 -6.44 -4.87
N ASP B 30 -4.10 -7.09 -3.77
CA ASP B 30 -4.98 -8.06 -3.14
C ASP B 30 -5.13 -7.77 -1.65
N THR B 31 -6.16 -8.33 -1.07
CA THR B 31 -6.52 -8.26 0.33
C THR B 31 -5.93 -9.44 1.08
N ILE B 32 -5.27 -9.13 2.21
CA ILE B 32 -4.66 -10.20 2.97
C ILE B 32 -4.92 -9.94 4.45
N ILE B 33 -5.32 -11.03 5.08
CA ILE B 33 -5.60 -10.95 6.52
CA ILE B 33 -5.71 -11.04 6.49
C ILE B 33 -4.81 -12.00 7.27
N GLU B 34 -4.64 -11.70 8.55
CA GLU B 34 -3.93 -12.59 9.44
C GLU B 34 -4.67 -13.90 9.60
N GLU B 35 -3.94 -14.90 10.06
CA GLU B 35 -4.48 -16.24 10.22
C GLU B 35 -5.84 -16.22 10.91
N MET B 36 -6.79 -16.89 10.25
CA MET B 36 -8.14 -17.04 10.74
C MET B 36 -8.81 -18.15 9.94
N SER B 37 -9.94 -18.56 10.48
CA SER B 37 -10.66 -19.64 9.82
C SER B 37 -11.63 -19.10 8.77
N LEU B 38 -11.55 -19.49 7.51
CA LEU B 38 -12.49 -19.14 6.45
C LEU B 38 -13.11 -20.41 5.89
N PRO B 39 -14.33 -20.32 5.42
CA PRO B 39 -14.97 -21.48 4.82
C PRO B 39 -14.48 -21.77 3.41
N GLY B 40 -14.64 -23.05 3.07
CA GLY B 40 -14.37 -23.47 1.73
C GLY B 40 -12.98 -23.92 1.39
N ARG B 41 -12.79 -24.18 0.11
CA ARG B 41 -11.46 -24.57 -0.33
C ARG B 41 -10.60 -23.33 -0.56
N TRP B 42 -9.30 -23.56 -0.49
CA TRP B 42 -8.32 -22.56 -0.83
C TRP B 42 -7.36 -23.08 -1.91
N LYS B 43 -6.71 -22.12 -2.53
CA LYS B 43 -5.74 -22.33 -3.58
C LYS B 43 -4.44 -21.59 -3.22
N PRO B 44 -3.33 -22.05 -3.73
CA PRO B 44 -2.07 -21.40 -3.39
C PRO B 44 -1.88 -20.11 -4.18
N LYS B 45 -1.16 -19.19 -3.56
CA LYS B 45 -0.77 -17.97 -4.25
C LYS B 45 0.53 -17.45 -3.65
N MET B 46 1.35 -16.90 -4.50
CA MET B 46 2.57 -16.24 -4.15
C MET B 46 2.36 -14.73 -4.29
N ILE B 47 2.83 -14.03 -3.26
CA ILE B 47 2.71 -12.57 -3.31
C ILE B 47 4.06 -11.95 -2.98
N GLY B 48 4.36 -10.80 -3.56
CA GLY B 48 5.57 -10.04 -3.44
C GLY B 48 5.31 -8.86 -2.55
N GLY B 49 6.16 -8.64 -1.56
CA GLY B 49 6.01 -7.41 -0.77
C GLY B 49 7.35 -6.72 -0.67
N ILE B 50 7.45 -5.80 0.27
CA ILE B 50 8.67 -5.00 0.38
C ILE B 50 9.87 -5.87 0.67
N GLY B 51 9.71 -6.95 1.43
CA GLY B 51 10.95 -7.65 1.76
C GLY B 51 11.09 -8.98 1.07
N GLY B 52 10.21 -9.33 0.12
CA GLY B 52 10.40 -10.62 -0.56
C GLY B 52 9.04 -11.26 -0.82
N PHE B 53 9.06 -12.49 -1.28
CA PHE B 53 7.85 -13.20 -1.63
C PHE B 53 7.47 -14.19 -0.52
N ILE B 54 6.17 -14.39 -0.42
CA ILE B 54 5.60 -15.31 0.54
C ILE B 54 4.48 -16.11 -0.12
N LYS B 55 4.28 -17.32 0.39
CA LYS B 55 3.11 -18.13 0.08
C LYS B 55 1.94 -17.86 1.00
N VAL B 56 0.78 -17.75 0.39
CA VAL B 56 -0.43 -17.54 1.14
C VAL B 56 -1.54 -18.45 0.63
N ARG B 57 -2.64 -18.43 1.37
CA ARG B 57 -3.84 -19.18 1.06
C ARG B 57 -4.89 -18.24 0.47
N GLN B 58 -5.39 -18.62 -0.69
CA GLN B 58 -6.37 -17.80 -1.39
C GLN B 58 -7.75 -18.44 -1.30
N TYR B 59 -8.65 -17.63 -0.76
N TYR B 59 -8.66 -17.69 -0.66
CA TYR B 59 -10.03 -18.06 -0.73
CA TYR B 59 -10.06 -18.05 -0.46
C TYR B 59 -10.78 -17.10 -1.64
C TYR B 59 -10.96 -17.16 -1.35
N ASP B 60 -11.76 -17.71 -2.27
CA ASP B 60 -12.57 -16.89 -3.15
C ASP B 60 -13.99 -16.75 -2.60
N GLN B 61 -14.63 -15.66 -3.03
CA GLN B 61 -16.03 -15.39 -2.82
C GLN B 61 -16.42 -15.35 -1.34
N ILE B 62 -15.58 -14.64 -0.57
CA ILE B 62 -15.73 -14.45 0.86
C ILE B 62 -16.48 -13.15 1.12
N ILE B 63 -17.49 -13.24 1.98
CA ILE B 63 -18.24 -12.07 2.38
C ILE B 63 -17.48 -11.28 3.42
N ILE B 64 -17.34 -9.97 3.18
CA ILE B 64 -16.64 -9.11 4.08
C ILE B 64 -17.26 -7.72 4.03
N GLU B 65 -17.40 -7.11 5.19
CA GLU B 65 -17.89 -5.73 5.27
C GLU B 65 -16.72 -4.82 5.58
N ILE B 66 -16.62 -3.69 4.89
CA ILE B 66 -15.46 -2.84 5.04
C ILE B 66 -15.97 -1.43 5.35
N ALA B 67 -15.76 -0.95 6.56
CA ALA B 67 -16.23 0.38 6.91
C ALA B 67 -17.73 0.51 6.64
N GLY B 68 -18.45 -0.59 6.85
CA GLY B 68 -19.89 -0.66 6.61
C GLY B 68 -20.33 -0.92 5.20
N HIS B 69 -19.41 -1.10 4.25
CA HIS B 69 -19.72 -1.37 2.87
C HIS B 69 -19.51 -2.86 2.56
N LYS B 70 -20.52 -3.42 1.93
CA LYS B 70 -20.51 -4.84 1.64
C LYS B 70 -19.69 -5.17 0.39
N ALA B 71 -18.89 -6.23 0.57
CA ALA B 71 -18.08 -6.76 -0.50
C ALA B 71 -18.12 -8.29 -0.46
N ILE B 72 -17.87 -8.92 -1.57
CA ILE B 72 -17.77 -10.38 -1.67
C ILE B 72 -16.64 -10.64 -2.67
N GLY B 73 -15.54 -11.22 -2.20
CA GLY B 73 -14.44 -11.40 -3.12
C GLY B 73 -13.32 -12.19 -2.50
N THR B 74 -12.15 -12.13 -3.12
CA THR B 74 -11.02 -12.96 -2.77
C THR B 74 -10.27 -12.37 -1.59
N VAL B 75 -10.02 -13.25 -0.63
CA VAL B 75 -9.23 -12.90 0.58
C VAL B 75 -8.11 -13.87 0.73
N LEU B 76 -6.92 -13.32 0.89
CA LEU B 76 -5.74 -14.11 1.16
C LEU B 76 -5.50 -14.16 2.67
N VAL B 77 -5.01 -15.30 3.13
CA VAL B 77 -4.64 -15.47 4.52
C VAL B 77 -3.18 -15.85 4.58
N GLY B 78 -2.40 -15.11 5.37
CA GLY B 78 -0.99 -15.43 5.49
C GLY B 78 -0.32 -14.44 6.44
N PRO B 79 1.00 -14.55 6.56
CA PRO B 79 1.76 -13.70 7.50
C PRO B 79 1.92 -12.26 7.07
N THR B 80 1.08 -11.41 7.60
CA THR B 80 1.14 -10.01 7.19
C THR B 80 1.30 -9.17 8.45
N PRO B 81 1.98 -8.03 8.33
CA PRO B 81 2.18 -7.21 9.51
C PRO B 81 0.87 -6.63 9.99
N VAL B 82 -0.14 -6.44 9.16
CA VAL B 82 -1.44 -5.85 9.46
C VAL B 82 -2.45 -6.41 8.45
N ASN B 83 -3.73 -6.43 8.78
CA ASN B 83 -4.76 -6.78 7.81
C ASN B 83 -4.83 -5.68 6.75
N ILE B 84 -4.85 -6.10 5.49
CA ILE B 84 -4.74 -5.14 4.39
C ILE B 84 -5.92 -5.33 3.45
N ILE B 85 -6.64 -4.23 3.19
CA ILE B 85 -7.65 -4.22 2.15
C ILE B 85 -7.01 -3.67 0.89
N GLY B 86 -6.91 -4.53 -0.14
CA GLY B 86 -6.28 -4.10 -1.38
C GLY B 86 -7.28 -3.76 -2.44
N ARG B 87 -6.75 -3.52 -3.66
CA ARG B 87 -7.57 -2.95 -4.68
C ARG B 87 -8.74 -3.80 -5.12
N ASN B 88 -8.60 -5.12 -5.00
CA ASN B 88 -9.70 -5.99 -5.43
C ASN B 88 -10.98 -5.69 -4.65
N LEU B 89 -10.88 -5.29 -3.38
CA LEU B 89 -12.08 -4.97 -2.61
C LEU B 89 -12.29 -3.46 -2.53
N LEU B 90 -11.22 -2.66 -2.62
CA LEU B 90 -11.44 -1.23 -2.68
C LEU B 90 -12.28 -0.86 -3.90
N THR B 91 -12.07 -1.52 -5.03
CA THR B 91 -12.92 -1.24 -6.19
C THR B 91 -14.38 -1.60 -5.94
N GLN B 92 -14.64 -2.66 -5.19
CA GLN B 92 -16.00 -3.08 -4.90
C GLN B 92 -16.71 -2.06 -4.02
N ILE B 93 -15.99 -1.40 -3.14
CA ILE B 93 -16.68 -0.44 -2.27
C ILE B 93 -16.68 0.94 -2.91
N GLY B 94 -16.15 1.09 -4.13
CA GLY B 94 -16.17 2.31 -4.89
C GLY B 94 -15.13 3.31 -4.52
N ALA B 95 -13.99 2.86 -4.00
CA ALA B 95 -13.00 3.82 -3.52
C ALA B 95 -12.15 4.39 -4.64
N THR B 96 -11.82 5.67 -4.54
CA THR B 96 -10.94 6.32 -5.48
C THR B 96 -9.92 7.13 -4.70
N LEU B 97 -8.80 7.38 -5.37
CA LEU B 97 -7.83 8.33 -4.85
C LEU B 97 -8.01 9.69 -5.49
N ASN B 98 -7.94 10.74 -4.71
CA ASN B 98 -8.24 12.04 -5.28
C ASN B 98 -7.20 13.04 -4.82
N PHE B 99 -6.71 13.83 -5.76
CA PHE B 99 -5.85 14.96 -5.40
C PHE B 99 -6.07 16.12 -6.39
N TYR C 1 4.32 -12.15 -10.05
CA TYR C 1 3.40 -12.36 -8.94
C TYR C 1 2.77 -11.07 -8.48
N ASP C 2 1.54 -11.17 -7.99
CA ASP C 2 0.84 -10.04 -7.38
C ASP C 2 1.73 -9.40 -6.31
N GLN C 3 1.50 -8.08 -6.14
CA GLN C 3 2.31 -7.33 -5.21
C GLN C 3 1.45 -6.69 -4.12
N ILE C 4 1.92 -6.79 -2.90
CA ILE C 4 1.24 -6.20 -1.74
C ILE C 4 2.23 -5.31 -0.99
N ILE C 5 2.09 -4.00 -1.14
CA ILE C 5 2.99 -3.11 -0.37
C ILE C 5 2.17 -2.00 0.27
#